data_6KKS
#
_entry.id   6KKS
#
_cell.length_a   52.084
_cell.length_b   63.927
_cell.length_c   73.956
_cell.angle_alpha   90.000
_cell.angle_beta   90.000
_cell.angle_gamma   90.000
#
_symmetry.space_group_name_H-M   'P 21 21 21'
#
loop_
_entity.id
_entity.type
_entity.pdbx_description
1 polymer 'Transcription factor WER'
2 polymer "DNA (5'-D(*AP*AP*AP*TP*TP*CP*TP*CP*CP*AP*AP*CP*CP*GP*CP*AP*TP*TP*TP*TP*C)-3')"
3 polymer "DNA (5'-D(*CP*GP*AP*AP*AP*AP*TP*GP*CP*GP*GP*TP*TP*GP*GP*AP*GP*AP*AP*TP*T)-3')"
4 non-polymer 'MAGNESIUM ION'
5 water water
#
loop_
_entity_poly.entity_id
_entity_poly.type
_entity_poly.pdbx_seq_one_letter_code
_entity_poly.pdbx_strand_id
1 'polypeptide(L)'
;GNNEYKKGLWTVEEDKILMDYVKAHGKGHWNRIAKKTGLKRCGKSCRLRWMNYLSPNVKRGNFTEQEEDLIIRLHKLLGN
RWSLIAKRVPGRTDNQVKNYWNTHLSKKLGIKDQKTKQS
;
A
2 'polydeoxyribonucleotide'
;(DA)(DA)(DA)(DT)(DT)(DC)(DT)(DC)(DC)(DA)(DA)(DC)(DC)(DG)(DC)(DA)(DT)(DT)(DT)(DT)
(DC)
;
B
3 'polydeoxyribonucleotide'
;(DC)(DG)(DA)(DA)(DA)(DA)(DT)(DG)(DC)(DG)(DG)(DT)(DT)(DG)(DG)(DA)(DG)(DA)(DA)(DT)
(DT)
;
C
#
loop_
_chem_comp.id
_chem_comp.type
_chem_comp.name
_chem_comp.formula
DA DNA linking 2'-DEOXYADENOSINE-5'-MONOPHOSPHATE 'C10 H14 N5 O6 P'
DC DNA linking 2'-DEOXYCYTIDINE-5'-MONOPHOSPHATE 'C9 H14 N3 O7 P'
DG DNA linking 2'-DEOXYGUANOSINE-5'-MONOPHOSPHATE 'C10 H14 N5 O7 P'
DT DNA linking THYMIDINE-5'-MONOPHOSPHATE 'C10 H15 N2 O8 P'
MG non-polymer 'MAGNESIUM ION' 'Mg 2'
#
# COMPACT_ATOMS: atom_id res chain seq x y z
N ASN A 3 11.90 18.14 -11.87
CA ASN A 3 11.18 17.72 -10.62
C ASN A 3 9.83 18.41 -10.50
N GLU A 4 9.05 18.36 -11.59
CA GLU A 4 7.68 18.89 -11.61
C GLU A 4 6.71 18.02 -10.77
N TYR A 5 7.04 16.74 -10.58
CA TYR A 5 6.18 15.82 -9.82
C TYR A 5 6.07 16.21 -8.35
N LYS A 6 4.85 16.22 -7.84
CA LYS A 6 4.59 16.40 -6.42
C LYS A 6 5.05 15.17 -5.61
N LYS A 7 5.56 15.42 -4.40
CA LYS A 7 5.98 14.37 -3.48
C LYS A 7 5.31 14.57 -2.13
N GLY A 8 5.09 13.47 -1.41
CA GLY A 8 4.53 13.53 -0.05
C GLY A 8 3.08 13.08 0.02
N LEU A 9 2.39 13.57 1.04
CA LEU A 9 1.03 13.10 1.38
C LEU A 9 0.01 13.39 0.28
N TRP A 10 -0.76 12.35 -0.06
CA TRP A 10 -1.84 12.47 -1.05
C TRP A 10 -3.00 13.25 -0.46
N THR A 11 -3.49 14.24 -1.20
CA THR A 11 -4.69 14.95 -0.77
C THR A 11 -5.90 14.16 -1.24
N VAL A 12 -7.06 14.45 -0.65
CA VAL A 12 -8.33 13.87 -1.07
C VAL A 12 -8.65 14.21 -2.53
N GLU A 13 -8.27 15.41 -2.97
CA GLU A 13 -8.44 15.80 -4.39
C GLU A 13 -7.64 14.88 -5.29
N GLU A 14 -6.41 14.57 -4.92
CA GLU A 14 -5.58 13.65 -5.70
C GLU A 14 -6.11 12.22 -5.67
N ASP A 15 -6.57 11.78 -4.50
CA ASP A 15 -7.14 10.45 -4.35
C ASP A 15 -8.32 10.25 -5.31
N LYS A 16 -9.19 11.25 -5.40
CA LYS A 16 -10.41 11.14 -6.22
C LYS A 16 -10.03 10.93 -7.68
N ILE A 17 -9.04 11.70 -8.16
CA ILE A 17 -8.58 11.58 -9.54
C ILE A 17 -8.01 10.18 -9.81
N LEU A 18 -7.17 9.68 -8.89
CA LEU A 18 -6.60 8.33 -9.03
C LEU A 18 -7.67 7.23 -9.00
N MET A 19 -8.59 7.34 -8.05
CA MET A 19 -9.69 6.39 -7.90
C MET A 19 -10.56 6.34 -9.17
N ASP A 20 -10.98 7.50 -9.65
CA ASP A 20 -11.80 7.62 -10.87
C ASP A 20 -11.10 7.03 -12.09
N TYR A 21 -9.78 7.26 -12.23
CA TYR A 21 -9.00 6.66 -13.31
C TYR A 21 -8.95 5.13 -13.21
N VAL A 22 -8.62 4.62 -12.03
CA VAL A 22 -8.52 3.17 -11.85
C VAL A 22 -9.88 2.49 -12.06
N LYS A 23 -10.95 3.10 -11.57
CA LYS A 23 -12.32 2.60 -11.81
C LYS A 23 -12.72 2.58 -13.28
N ALA A 24 -12.34 3.63 -14.00
CA ALA A 24 -12.66 3.75 -15.42
C ALA A 24 -11.80 2.79 -16.28
N HIS A 25 -10.50 2.73 -16.00
CA HIS A 25 -9.52 2.10 -16.90
C HIS A 25 -8.71 0.94 -16.30
N GLY A 26 -9.01 0.53 -15.06
CA GLY A 26 -8.31 -0.59 -14.43
C GLY A 26 -6.94 -0.23 -13.90
N LYS A 27 -6.33 -1.21 -13.24
CA LYS A 27 -5.03 -1.05 -12.60
C LYS A 27 -3.92 -1.15 -13.65
N GLY A 28 -2.77 -0.56 -13.36
CA GLY A 28 -1.56 -0.74 -14.16
C GLY A 28 -1.39 0.40 -15.14
N HIS A 29 -0.31 0.34 -15.92
CA HIS A 29 0.08 1.46 -16.80
C HIS A 29 0.06 2.75 -16.00
N TRP A 30 0.72 2.70 -14.85
CA TRP A 30 0.60 3.72 -13.84
C TRP A 30 1.20 5.04 -14.33
N ASN A 31 2.25 4.92 -15.14
CA ASN A 31 2.87 6.06 -15.83
C ASN A 31 1.91 6.91 -16.68
N ARG A 32 0.88 6.29 -17.24
CA ARG A 32 -0.07 7.02 -18.09
C ARG A 32 -0.94 8.02 -17.35
N ILE A 33 -1.14 7.82 -16.04
CA ILE A 33 -2.16 8.57 -15.27
C ILE A 33 -1.91 10.06 -15.27
N ALA A 34 -0.68 10.45 -14.96
CA ALA A 34 -0.29 11.87 -14.94
C ALA A 34 -0.50 12.53 -16.29
N LYS A 35 -0.27 11.77 -17.36
CA LYS A 35 -0.40 12.27 -18.72
C LYS A 35 -1.87 12.42 -19.12
N LYS A 36 -2.71 11.49 -18.66
CA LYS A 36 -4.15 11.50 -18.97
C LYS A 36 -4.97 12.37 -18.02
N THR A 37 -4.44 12.72 -16.85
CA THR A 37 -5.21 13.50 -15.86
C THR A 37 -4.43 14.71 -15.43
N GLY A 38 -5.03 15.55 -14.60
CA GLY A 38 -4.31 16.68 -14.00
C GLY A 38 -3.33 16.34 -12.88
N LEU A 39 -3.17 15.05 -12.58
CA LEU A 39 -2.41 14.61 -11.41
C LEU A 39 -0.93 14.78 -11.67
N LYS A 40 -0.21 15.34 -10.70
CA LYS A 40 1.23 15.56 -10.82
C LYS A 40 1.99 14.49 -10.05
N ARG A 41 1.72 13.24 -10.40
CA ARG A 41 2.27 12.09 -9.68
C ARG A 41 2.81 11.07 -10.67
N CYS A 42 4.02 10.57 -10.41
CA CYS A 42 4.59 9.50 -11.23
C CYS A 42 3.87 8.18 -10.98
N GLY A 43 4.03 7.24 -11.91
CA GLY A 43 3.38 5.94 -11.85
C GLY A 43 3.71 5.21 -10.57
N LYS A 44 4.94 5.30 -10.18
CA LYS A 44 5.44 4.69 -8.97
C LYS A 44 4.64 5.14 -7.77
N SER A 45 4.40 6.43 -7.66
CA SER A 45 3.67 7.02 -6.55
C SER A 45 2.18 6.64 -6.61
N CYS A 46 1.61 6.64 -7.81
CA CYS A 46 0.20 6.23 -8.01
C CYS A 46 -0.01 4.77 -7.64
N ARG A 47 0.83 3.90 -8.17
CA ARG A 47 0.78 2.48 -7.86
C ARG A 47 0.73 2.26 -6.34
N LEU A 48 1.61 2.95 -5.62
CA LEU A 48 1.74 2.74 -4.18
C LEU A 48 0.49 3.21 -3.41
N ARG A 49 -0.01 4.39 -3.75
CA ARG A 49 -1.23 4.92 -3.15
C ARG A 49 -2.43 4.01 -3.40
N TRP A 50 -2.58 3.53 -4.64
CA TRP A 50 -3.66 2.59 -4.92
C TRP A 50 -3.56 1.32 -4.05
N MET A 51 -2.39 0.69 -4.07
CA MET A 51 -2.22 -0.63 -3.46
C MET A 51 -2.37 -0.58 -1.95
N ASN A 52 -1.89 0.50 -1.33
CA ASN A 52 -1.88 0.60 0.13
C ASN A 52 -3.07 1.31 0.77
N TYR A 53 -3.73 2.20 0.05
CA TYR A 53 -4.89 2.94 0.62
C TYR A 53 -6.18 2.82 -0.18
N LEU A 54 -6.15 3.07 -1.48
CA LEU A 54 -7.43 3.14 -2.23
C LEU A 54 -8.06 1.79 -2.53
N SER A 55 -7.25 0.73 -2.64
CA SER A 55 -7.74 -0.59 -3.02
C SER A 55 -8.84 -1.07 -2.05
N PRO A 56 -9.94 -1.62 -2.58
CA PRO A 56 -11.00 -2.10 -1.68
C PRO A 56 -10.62 -3.35 -0.88
N ASN A 57 -9.51 -4.01 -1.24
CA ASN A 57 -9.05 -5.20 -0.56
C ASN A 57 -8.20 -4.97 0.69
N VAL A 58 -7.81 -3.72 0.99
CA VAL A 58 -6.97 -3.47 2.17
C VAL A 58 -7.80 -3.26 3.43
N LYS A 59 -7.44 -3.96 4.51
CA LYS A 59 -8.09 -3.80 5.81
C LYS A 59 -7.72 -2.47 6.45
N ARG A 60 -8.68 -1.89 7.15
CA ARG A 60 -8.56 -0.55 7.74
C ARG A 60 -8.28 -0.56 9.25
N GLY A 61 -8.74 -1.58 9.95
CA GLY A 61 -8.56 -1.63 11.40
C GLY A 61 -7.11 -1.76 11.81
N ASN A 62 -6.89 -1.62 13.11
CA ASN A 62 -5.62 -1.97 13.72
C ASN A 62 -5.38 -3.47 13.60
N PHE A 63 -4.11 -3.84 13.67
CA PHE A 63 -3.72 -5.23 13.65
C PHE A 63 -4.31 -5.91 14.88
N THR A 64 -4.89 -7.09 14.67
CA THR A 64 -5.45 -7.89 15.76
C THR A 64 -4.30 -8.65 16.43
N GLU A 65 -4.59 -9.26 17.57
CA GLU A 65 -3.61 -10.12 18.24
C GLU A 65 -3.34 -11.37 17.39
N GLN A 66 -4.35 -11.86 16.69
CA GLN A 66 -4.17 -13.00 15.77
C GLN A 66 -3.27 -12.66 14.57
N GLU A 67 -3.46 -11.49 13.97
CA GLU A 67 -2.53 -11.00 12.94
C GLU A 67 -1.10 -10.86 13.47
N GLU A 68 -0.95 -10.31 14.66
CA GLU A 68 0.37 -10.13 15.27
C GLU A 68 1.11 -11.48 15.38
N ASP A 69 0.43 -12.48 15.92
CA ASP A 69 1.01 -13.81 16.08
C ASP A 69 1.39 -14.46 14.74
N LEU A 70 0.51 -14.33 13.75
CA LEU A 70 0.77 -14.80 12.40
C LEU A 70 2.03 -14.14 11.82
N ILE A 71 2.16 -12.85 12.02
CA ILE A 71 3.29 -12.08 11.45
C ILE A 71 4.60 -12.45 12.13
N ILE A 72 4.58 -12.59 13.45
CA ILE A 72 5.76 -13.03 14.21
C ILE A 72 6.25 -14.37 13.65
N ARG A 73 5.33 -15.31 13.44
CA ARG A 73 5.67 -16.65 12.96
C ARG A 73 6.11 -16.68 11.51
N LEU A 74 5.42 -15.90 10.66
CA LEU A 74 5.83 -15.76 9.27
C LEU A 74 7.24 -15.16 9.21
N HIS A 75 7.48 -14.14 10.03
CA HIS A 75 8.81 -13.49 10.05
C HIS A 75 9.92 -14.43 10.50
N LYS A 76 9.63 -15.26 11.51
CA LYS A 76 10.54 -16.30 11.95
C LYS A 76 10.85 -17.28 10.81
N LEU A 77 9.81 -17.68 10.08
CA LEU A 77 9.97 -18.58 8.94
C LEU A 77 10.73 -17.94 7.77
N LEU A 78 10.45 -16.66 7.50
CA LEU A 78 10.82 -16.02 6.23
C LEU A 78 11.80 -14.84 6.30
N GLY A 79 12.11 -14.32 7.49
CA GLY A 79 12.92 -13.09 7.58
C GLY A 79 12.20 -11.84 7.03
N ASN A 80 12.97 -10.88 6.54
CA ASN A 80 12.46 -9.57 6.11
C ASN A 80 11.91 -9.55 4.68
N ARG A 81 11.16 -10.59 4.33
CA ARG A 81 10.59 -10.76 3.00
C ARG A 81 9.11 -10.39 3.08
N TRP A 82 8.86 -9.09 3.08
CA TRP A 82 7.56 -8.53 3.46
C TRP A 82 6.44 -8.86 2.49
N SER A 83 6.73 -8.83 1.18
CA SER A 83 5.71 -9.21 0.17
C SER A 83 5.35 -10.70 0.29
N LEU A 84 6.35 -11.52 0.61
CA LEU A 84 6.12 -12.93 0.83
C LEU A 84 5.32 -13.18 2.10
N ILE A 85 5.64 -12.44 3.17
CA ILE A 85 4.85 -12.47 4.38
C ILE A 85 3.41 -11.96 4.14
N ALA A 86 3.27 -10.80 3.50
CA ALA A 86 1.96 -10.19 3.29
C ALA A 86 1.00 -11.10 2.49
N LYS A 87 1.53 -11.92 1.58
CA LYS A 87 0.71 -12.88 0.83
C LYS A 87 -0.11 -13.80 1.71
N ARG A 88 0.34 -14.07 2.93
CA ARG A 88 -0.37 -14.94 3.86
C ARG A 88 -1.05 -14.17 5.00
N VAL A 89 -1.17 -12.86 4.88
CA VAL A 89 -1.91 -12.03 5.84
C VAL A 89 -3.03 -11.36 5.03
N PRO A 90 -4.26 -11.94 5.07
CA PRO A 90 -5.38 -11.40 4.27
C PRO A 90 -5.64 -9.93 4.53
N GLY A 91 -5.76 -9.15 3.47
CA GLY A 91 -6.05 -7.71 3.58
C GLY A 91 -4.96 -6.78 4.11
N ARG A 92 -3.74 -7.29 4.32
CA ARG A 92 -2.59 -6.45 4.68
C ARG A 92 -1.52 -6.51 3.59
N THR A 93 -0.92 -5.35 3.30
CA THR A 93 0.12 -5.23 2.30
C THR A 93 1.48 -5.43 2.93
N ASP A 94 2.48 -5.62 2.08
CA ASP A 94 3.89 -5.67 2.50
C ASP A 94 4.27 -4.48 3.39
N ASN A 95 3.83 -3.28 3.01
CA ASN A 95 4.22 -2.04 3.68
C ASN A 95 3.60 -1.97 5.08
N GLN A 96 2.34 -2.37 5.20
CA GLN A 96 1.66 -2.47 6.50
C GLN A 96 2.36 -3.45 7.44
N VAL A 97 2.69 -4.63 6.93
CA VAL A 97 3.29 -5.67 7.77
C VAL A 97 4.69 -5.23 8.22
N LYS A 98 5.48 -4.70 7.29
CA LYS A 98 6.77 -4.08 7.59
C LYS A 98 6.71 -3.00 8.68
N ASN A 99 5.79 -2.06 8.54
CA ASN A 99 5.59 -1.00 9.53
C ASN A 99 5.18 -1.59 10.89
N TYR A 100 4.27 -2.54 10.90
CA TYR A 100 3.85 -3.14 12.15
C TYR A 100 5.04 -3.81 12.85
N TRP A 101 5.84 -4.55 12.07
CA TRP A 101 7.05 -5.15 12.60
C TRP A 101 8.02 -4.10 13.16
N ASN A 102 8.35 -3.10 12.35
CA ASN A 102 9.36 -2.11 12.76
C ASN A 102 8.95 -1.26 13.97
N THR A 103 7.69 -0.85 14.06
CA THR A 103 7.24 0.00 15.15
C THR A 103 6.83 -0.82 16.38
N HIS A 104 6.03 -1.87 16.19
CA HIS A 104 5.44 -2.59 17.33
C HIS A 104 6.19 -3.84 17.78
N LEU A 105 6.74 -4.62 16.85
CA LEU A 105 7.33 -5.93 17.19
C LEU A 105 8.86 -5.96 17.28
N SER A 106 9.53 -5.11 16.51
CA SER A 106 10.99 -4.97 16.62
C SER A 106 11.43 -4.35 17.95
N LYS A 107 10.53 -3.59 18.59
CA LYS A 107 10.76 -3.09 19.96
C LYS A 107 11.03 -4.25 20.93
N LYS A 108 10.18 -5.28 20.87
CA LYS A 108 10.37 -6.50 21.66
C LYS A 108 11.58 -7.30 21.15
MG MG D . -1.84 -9.51 2.18
#